data_5WWG
#
_entry.id   5WWG
#
_cell.length_a   132.810
_cell.length_b   46.228
_cell.length_c   33.994
_cell.angle_alpha   90.00
_cell.angle_beta   102.22
_cell.angle_gamma   90.00
#
_symmetry.space_group_name_H-M   'C 1 2 1'
#
loop_
_entity.id
_entity.type
_entity.pdbx_description
1 polymer 'Heterogeneous nuclear ribonucleoproteins A2/B1'
2 polymer "RNA (5'-R(*AP*AP*GP*GP*AP*CP*UP*U)-3')"
3 water water
#
loop_
_entity_poly.entity_id
_entity_poly.type
_entity_poly.pdbx_seq_one_letter_code
_entity_poly.pdbx_strand_id
1 'polypeptide(L)'
;RKKREKEQFRKLFIGGLSFETTEESLRNYYEQWGKLTDCVVMRDPASKRSRGFGFVTFSSMAEVDAAMAARPHSIDGRVV
EPKRAVAREESGKPGAHVTVKKLFVGGIKEDTEEHHLRDYFEEYGKIDTIEIITDRQSGKKRGFGFVTFDDHDPVDKIVL
QKYHTINGHNAEVRKALSRQEMQE
;
A
2 'polyribonucleotide' AAGGACUUGC B
#
loop_
_chem_comp.id
_chem_comp.type
_chem_comp.name
_chem_comp.formula
A RNA linking ADENOSINE-5'-MONOPHOSPHATE 'C10 H14 N5 O7 P'
C RNA linking CYTIDINE-5'-MONOPHOSPHATE 'C9 H14 N3 O8 P'
G RNA linking GUANOSINE-5'-MONOPHOSPHATE 'C10 H14 N5 O8 P'
U RNA linking URIDINE-5'-MONOPHOSPHATE 'C9 H13 N2 O9 P'
#
# COMPACT_ATOMS: atom_id res chain seq x y z
N ARG A 1 -9.39 -4.88 -21.11
CA ARG A 1 -8.93 -3.69 -20.39
C ARG A 1 -9.52 -3.68 -18.97
N LYS A 2 -10.84 -3.77 -18.90
CA LYS A 2 -11.62 -3.72 -17.65
C LYS A 2 -11.14 -4.72 -16.59
N LYS A 3 -10.92 -5.98 -16.99
CA LYS A 3 -10.34 -7.00 -16.07
C LYS A 3 -8.98 -6.54 -15.49
N ARG A 4 -8.11 -6.14 -16.40
CA ARG A 4 -6.78 -5.64 -16.07
C ARG A 4 -6.79 -4.55 -14.99
N GLU A 5 -7.77 -3.68 -15.11
CA GLU A 5 -7.91 -2.65 -14.12
C GLU A 5 -8.21 -3.27 -12.81
N LYS A 6 -9.11 -4.25 -12.79
CA LYS A 6 -9.49 -4.96 -11.53
C LYS A 6 -8.33 -5.66 -10.86
N GLU A 7 -7.61 -6.43 -11.66
CA GLU A 7 -6.56 -7.23 -11.13
C GLU A 7 -5.39 -6.36 -10.64
N GLN A 8 -5.27 -5.12 -11.12
CA GLN A 8 -4.21 -4.30 -10.60
C GLN A 8 -4.35 -4.21 -9.12
N PHE A 9 -5.59 -4.22 -8.60
CA PHE A 9 -5.83 -4.10 -7.16
C PHE A 9 -5.78 -5.40 -6.39
N ARG A 10 -5.35 -6.45 -7.07
CA ARG A 10 -5.21 -7.76 -6.51
C ARG A 10 -3.78 -8.26 -6.62
N LYS A 11 -2.84 -7.35 -6.80
CA LYS A 11 -1.51 -7.71 -7.15
C LYS A 11 -0.59 -7.31 -6.02
N LEU A 12 0.33 -8.20 -5.66
CA LEU A 12 1.41 -7.89 -4.75
C LEU A 12 2.75 -7.83 -5.47
N PHE A 13 3.49 -6.74 -5.24
CA PHE A 13 4.93 -6.66 -5.34
C PHE A 13 5.59 -7.50 -4.26
N ILE A 14 6.47 -8.43 -4.64
CA ILE A 14 7.24 -9.23 -3.70
C ILE A 14 8.71 -8.94 -3.87
N GLY A 15 9.30 -8.19 -2.94
CA GLY A 15 10.72 -7.83 -3.04
C GLY A 15 11.53 -8.62 -2.05
N GLY A 16 12.84 -8.45 -2.09
CA GLY A 16 13.70 -9.23 -1.19
C GLY A 16 13.78 -10.72 -1.53
N LEU A 17 13.59 -11.07 -2.80
CA LEU A 17 13.57 -12.49 -3.22
C LEU A 17 14.94 -13.13 -3.18
N SER A 18 15.02 -14.33 -2.61
CA SER A 18 16.19 -15.18 -2.85
C SER A 18 16.38 -15.23 -4.37
N PHE A 19 17.63 -15.21 -4.77
CA PHE A 19 17.98 -15.46 -6.18
C PHE A 19 17.68 -16.88 -6.57
N GLU A 20 17.40 -17.75 -5.63
CA GLU A 20 16.85 -19.04 -6.02
C GLU A 20 15.34 -19.09 -6.34
N THR A 21 14.60 -18.04 -6.07
CA THR A 21 13.17 -18.15 -6.08
C THR A 21 12.72 -18.14 -7.53
N THR A 22 11.79 -19.00 -7.88
CA THR A 22 11.19 -19.04 -9.18
C THR A 22 9.71 -18.70 -9.12
N GLU A 23 9.10 -18.58 -10.28
CA GLU A 23 7.65 -18.48 -10.41
C GLU A 23 6.96 -19.60 -9.69
N GLU A 24 7.46 -20.82 -9.91
CA GLU A 24 6.85 -21.97 -9.21
C GLU A 24 6.93 -21.91 -7.69
N SER A 25 8.06 -21.51 -7.10
CA SER A 25 8.18 -21.46 -5.64
C SER A 25 7.44 -20.24 -5.08
N LEU A 26 7.36 -19.21 -5.89
CA LEU A 26 6.59 -18.06 -5.49
C LEU A 26 5.10 -18.45 -5.47
N ARG A 27 4.67 -19.11 -6.54
CA ARG A 27 3.26 -19.50 -6.68
C ARG A 27 2.84 -20.49 -5.59
N ASN A 28 3.68 -21.48 -5.29
CA ASN A 28 3.42 -22.41 -4.18
C ASN A 28 3.22 -21.74 -2.88
N TYR A 29 4.04 -20.75 -2.58
CA TYR A 29 3.93 -20.06 -1.31
C TYR A 29 2.63 -19.26 -1.28
N TYR A 30 2.33 -18.49 -2.31
CA TYR A 30 1.19 -17.57 -2.18
C TYR A 30 -0.13 -18.24 -2.43
N GLU A 31 -0.13 -19.44 -3.02
CA GLU A 31 -1.39 -20.17 -3.22
C GLU A 31 -2.06 -20.55 -1.92
N GLN A 32 -1.33 -20.57 -0.80
CA GLN A 32 -1.99 -20.81 0.47
C GLN A 32 -3.01 -19.77 0.86
N TRP A 33 -3.05 -18.60 0.20
CA TRP A 33 -4.09 -17.61 0.50
C TRP A 33 -5.05 -17.33 -0.64
N GLY A 34 -4.82 -17.95 -1.77
CA GLY A 34 -5.76 -17.80 -2.89
C GLY A 34 -5.34 -18.45 -4.18
N LYS A 35 -6.08 -18.09 -5.22
CA LYS A 35 -5.87 -18.58 -6.56
C LYS A 35 -5.13 -17.51 -7.32
N LEU A 36 -3.98 -17.85 -7.85
CA LEU A 36 -3.20 -16.88 -8.55
C LEU A 36 -3.57 -16.91 -10.02
N THR A 37 -3.71 -15.73 -10.63
CA THR A 37 -3.92 -15.66 -12.09
C THR A 37 -2.66 -15.26 -12.82
N ASP A 38 -1.59 -14.92 -12.07
CA ASP A 38 -0.31 -14.48 -12.65
C ASP A 38 0.77 -14.53 -11.58
N CYS A 39 1.98 -14.74 -12.01
CA CYS A 39 3.11 -14.82 -11.13
C CYS A 39 4.38 -14.61 -11.96
N VAL A 40 5.26 -13.69 -11.58
CA VAL A 40 6.42 -13.42 -12.41
C VAL A 40 7.57 -13.03 -11.53
N VAL A 41 8.76 -13.53 -11.84
CA VAL A 41 10.02 -13.08 -11.26
C VAL A 41 10.71 -12.24 -12.33
N MET A 42 10.94 -10.97 -12.02
N MET A 42 10.91 -10.95 -12.03
CA MET A 42 11.46 -10.03 -12.97
CA MET A 42 11.47 -10.00 -12.96
C MET A 42 12.96 -10.26 -13.05
C MET A 42 12.96 -10.29 -13.05
N ARG A 43 13.48 -10.31 -14.26
CA ARG A 43 14.88 -10.69 -14.51
CA ARG A 43 14.88 -10.68 -14.45
C ARG A 43 15.55 -9.70 -15.42
N ASP A 44 16.89 -9.63 -15.34
CA ASP A 44 17.63 -8.81 -16.30
C ASP A 44 17.36 -9.38 -17.69
N PRO A 45 16.97 -8.52 -18.69
CA PRO A 45 16.82 -8.99 -20.07
C PRO A 45 18.04 -9.75 -20.57
N ALA A 46 19.23 -9.18 -20.44
CA ALA A 46 20.41 -9.82 -20.97
C ALA A 46 20.77 -11.06 -20.16
N SER A 47 21.02 -10.90 -18.88
CA SER A 47 21.59 -11.96 -18.09
C SER A 47 20.59 -13.01 -17.60
N LYS A 48 19.28 -12.62 -17.45
CA LYS A 48 18.25 -13.51 -16.88
C LYS A 48 18.48 -13.65 -15.40
N ARG A 49 19.39 -12.85 -14.83
CA ARG A 49 19.62 -12.85 -13.40
C ARG A 49 18.37 -12.19 -12.79
N SER A 50 17.90 -12.77 -11.70
CA SER A 50 16.72 -12.26 -10.96
C SER A 50 17.06 -10.82 -10.52
N ARG A 51 16.10 -9.93 -10.68
CA ARG A 51 16.23 -8.57 -10.14
C ARG A 51 15.82 -8.51 -8.67
N GLY A 52 15.61 -9.68 -8.07
CA GLY A 52 15.31 -9.76 -6.66
C GLY A 52 13.91 -9.39 -6.29
N PHE A 53 13.01 -9.28 -7.27
CA PHE A 53 11.58 -9.02 -7.00
C PHE A 53 10.65 -9.63 -8.04
N GLY A 54 9.38 -9.74 -7.66
CA GLY A 54 8.38 -10.16 -8.57
C GLY A 54 6.99 -9.70 -8.20
N PHE A 55 6.02 -10.24 -8.94
CA PHE A 55 4.60 -9.98 -8.70
C PHE A 55 3.85 -11.28 -8.69
N VAL A 56 2.84 -11.33 -7.85
CA VAL A 56 1.78 -12.32 -7.88
C VAL A 56 0.45 -11.55 -7.92
N THR A 57 -0.49 -12.09 -8.70
CA THR A 57 -1.85 -11.54 -8.85
C THR A 57 -2.86 -12.60 -8.38
N PHE A 58 -3.70 -12.24 -7.44
CA PHE A 58 -4.68 -13.12 -6.80
C PHE A 58 -6.05 -12.93 -7.52
N SER A 59 -7.07 -13.67 -7.10
CA SER A 59 -8.39 -13.61 -7.74
C SER A 59 -9.29 -12.55 -7.15
N SER A 60 -9.00 -12.10 -5.92
CA SER A 60 -9.74 -11.07 -5.24
C SER A 60 -8.88 -10.25 -4.29
N MET A 61 -9.37 -9.05 -3.94
CA MET A 61 -8.69 -8.19 -2.96
C MET A 61 -8.73 -8.78 -1.55
N ALA A 62 -9.74 -9.61 -1.27
CA ALA A 62 -9.77 -10.36 -0.04
C ALA A 62 -8.60 -11.32 0.13
N GLU A 63 -8.13 -11.91 -0.95
CA GLU A 63 -7.07 -12.94 -0.85
C GLU A 63 -5.72 -12.23 -0.61
N VAL A 64 -5.60 -11.05 -1.18
CA VAL A 64 -4.51 -10.17 -0.90
C VAL A 64 -4.51 -9.83 0.56
N ASP A 65 -5.68 -9.48 1.10
CA ASP A 65 -5.74 -9.03 2.49
C ASP A 65 -5.34 -10.19 3.41
N ALA A 66 -5.76 -11.39 3.07
CA ALA A 66 -5.43 -12.57 3.83
C ALA A 66 -3.93 -12.84 3.77
N ALA A 67 -3.31 -12.71 2.59
CA ALA A 67 -1.86 -12.83 2.50
C ALA A 67 -1.17 -11.77 3.36
N MET A 68 -1.56 -10.51 3.24
CA MET A 68 -0.88 -9.44 4.02
C MET A 68 -1.12 -9.58 5.51
N ALA A 69 -2.31 -10.04 5.94
CA ALA A 69 -2.57 -10.35 7.37
C ALA A 69 -1.64 -11.48 7.92
N ALA A 70 -1.06 -12.28 7.03
CA ALA A 70 -0.18 -13.36 7.47
C ALA A 70 1.32 -13.09 7.33
N ARG A 71 1.74 -11.82 7.25
CA ARG A 71 3.14 -11.51 7.31
C ARG A 71 3.67 -11.92 8.68
N PRO A 72 4.94 -12.23 8.87
CA PRO A 72 5.99 -12.15 7.84
C PRO A 72 5.96 -13.37 6.96
N HIS A 73 6.41 -13.23 5.71
CA HIS A 73 6.45 -14.29 4.75
C HIS A 73 7.87 -14.71 4.48
N SER A 74 8.15 -15.99 4.55
CA SER A 74 9.46 -16.45 4.15
C SER A 74 9.31 -17.53 3.12
N ILE A 75 10.11 -17.38 2.10
CA ILE A 75 10.05 -18.11 0.88
C ILE A 75 11.48 -18.40 0.56
N ASP A 76 11.75 -19.65 0.21
CA ASP A 76 13.06 -20.13 -0.14
C ASP A 76 14.14 -19.71 0.84
N GLY A 77 13.80 -19.68 2.14
CA GLY A 77 14.74 -19.36 3.20
C GLY A 77 15.05 -17.89 3.42
N ARG A 78 14.19 -17.00 2.94
CA ARG A 78 14.33 -15.58 3.19
C ARG A 78 13.00 -14.99 3.61
N VAL A 79 13.02 -14.08 4.58
CA VAL A 79 11.86 -13.26 4.79
C VAL A 79 11.77 -12.26 3.61
N VAL A 80 10.63 -12.17 2.97
CA VAL A 80 10.53 -11.36 1.74
C VAL A 80 9.74 -10.16 2.16
N GLU A 81 9.56 -9.25 1.21
CA GLU A 81 8.90 -7.98 1.47
C GLU A 81 7.71 -7.79 0.48
N PRO A 82 6.52 -8.24 0.89
CA PRO A 82 5.32 -8.09 0.07
C PRO A 82 4.67 -6.67 0.25
N LYS A 83 4.20 -6.09 -0.85
CA LYS A 83 3.66 -4.76 -0.77
C LYS A 83 2.61 -4.71 -1.86
N ARG A 84 1.55 -3.95 -1.61
CA ARG A 84 0.52 -3.78 -2.64
C ARG A 84 1.19 -3.08 -3.82
N ALA A 85 0.88 -3.52 -5.02
CA ALA A 85 1.65 -3.14 -6.22
C ALA A 85 1.18 -1.77 -6.64
N VAL A 86 2.10 -0.85 -6.90
CA VAL A 86 1.69 0.42 -7.56
C VAL A 86 1.69 0.21 -9.04
N ALA A 87 0.63 0.61 -9.72
CA ALA A 87 0.51 0.46 -11.18
C ALA A 87 1.60 1.14 -11.87
N ARG A 88 1.94 0.59 -13.01
CA ARG A 88 3.06 1.09 -13.82
C ARG A 88 2.84 2.51 -14.26
N GLU A 89 1.61 2.85 -14.51
CA GLU A 89 1.28 4.21 -14.98
C GLU A 89 1.39 5.31 -13.93
N GLU A 90 1.54 4.95 -12.66
CA GLU A 90 1.77 5.88 -11.60
C GLU A 90 3.12 5.66 -10.87
N SER A 91 3.98 4.81 -11.40
N SER A 91 3.96 4.78 -11.41
CA SER A 91 5.17 4.44 -10.70
CA SER A 91 5.21 4.41 -10.75
C SER A 91 6.30 5.46 -10.89
C SER A 91 6.11 5.63 -10.69
N GLY A 92 6.08 6.49 -11.70
CA GLY A 92 6.96 7.63 -11.76
C GLY A 92 6.60 8.86 -10.95
N LYS A 93 5.39 8.94 -10.41
CA LYS A 93 5.01 9.96 -9.49
C LYS A 93 5.95 10.03 -8.29
N PRO A 94 6.27 11.24 -7.84
CA PRO A 94 7.11 11.41 -6.64
C PRO A 94 6.55 10.68 -5.44
N GLY A 95 7.38 9.97 -4.70
CA GLY A 95 6.82 9.26 -3.53
C GLY A 95 6.10 7.94 -3.77
N ALA A 96 5.93 7.52 -5.02
CA ALA A 96 4.99 6.45 -5.30
C ALA A 96 5.36 5.12 -4.59
N HIS A 97 6.64 4.81 -4.46
CA HIS A 97 7.05 3.54 -3.91
C HIS A 97 7.51 3.69 -2.50
N VAL A 98 7.32 4.86 -1.90
CA VAL A 98 7.80 5.04 -0.56
C VAL A 98 6.82 4.46 0.43
N THR A 99 7.33 3.70 1.38
CA THR A 99 6.57 2.92 2.28
C THR A 99 6.52 3.69 3.58
N VAL A 100 5.35 4.15 4.01
CA VAL A 100 5.20 4.90 5.30
C VAL A 100 3.98 4.43 6.06
N LYS A 101 3.91 4.78 7.34
CA LYS A 101 2.83 4.39 8.21
C LYS A 101 1.89 5.54 8.41
N LYS A 102 2.16 6.66 7.79
CA LYS A 102 1.36 7.87 8.07
C LYS A 102 0.53 8.28 6.89
N LEU A 103 -0.69 8.67 7.15
CA LEU A 103 -1.62 9.04 6.16
C LEU A 103 -1.96 10.53 6.31
N PHE A 104 -1.96 11.26 5.20
CA PHE A 104 -2.47 12.66 5.14
C PHE A 104 -3.93 12.55 4.75
N VAL A 105 -4.78 13.31 5.45
CA VAL A 105 -6.21 13.34 5.17
C VAL A 105 -6.64 14.81 4.98
N GLY A 106 -6.89 15.22 3.75
CA GLY A 106 -7.31 16.59 3.47
C GLY A 106 -8.75 16.69 3.02
N GLY A 107 -9.22 17.93 2.92
CA GLY A 107 -10.58 18.24 2.48
C GLY A 107 -11.60 18.04 3.59
N ILE A 108 -11.14 18.05 4.84
CA ILE A 108 -12.05 17.73 5.94
C ILE A 108 -12.57 18.96 6.63
N LYS A 109 -12.11 20.14 6.19
CA LYS A 109 -12.70 21.44 6.61
C LYS A 109 -12.66 21.60 8.13
N GLU A 110 -13.56 22.43 8.67
CA GLU A 110 -13.50 22.80 10.10
C GLU A 110 -14.33 21.96 11.07
N ASP A 111 -15.30 21.23 10.56
CA ASP A 111 -16.19 20.47 11.37
C ASP A 111 -15.62 19.07 11.68
N THR A 112 -14.55 18.64 11.01
CA THR A 112 -14.07 17.27 11.16
C THR A 112 -13.14 17.10 12.38
N GLU A 113 -13.42 16.06 13.14
CA GLU A 113 -12.80 15.78 14.41
C GLU A 113 -11.94 14.51 14.37
N GLU A 114 -11.11 14.36 15.38
CA GLU A 114 -10.35 13.11 15.62
C GLU A 114 -11.24 11.90 15.53
N HIS A 115 -12.37 11.97 16.22
CA HIS A 115 -13.22 10.83 16.32
C HIS A 115 -13.81 10.43 15.01
N HIS A 116 -14.10 11.41 14.15
CA HIS A 116 -14.50 11.08 12.78
C HIS A 116 -13.45 10.18 12.10
N LEU A 117 -12.19 10.55 12.22
CA LEU A 117 -11.13 9.86 11.50
C LEU A 117 -10.91 8.50 12.14
N ARG A 118 -10.80 8.48 13.49
CA ARG A 118 -10.64 7.22 14.23
C ARG A 118 -11.64 6.26 13.72
N ASP A 119 -12.89 6.72 13.67
CA ASP A 119 -14.01 5.93 13.28
C ASP A 119 -13.92 5.38 11.89
N TYR A 120 -13.70 6.29 10.97
CA TYR A 120 -13.66 5.91 9.57
C TYR A 120 -12.51 4.92 9.29
N PHE A 121 -11.37 5.14 9.92
CA PHE A 121 -10.14 4.47 9.58
C PHE A 121 -9.78 3.26 10.47
N GLU A 122 -10.31 3.18 11.70
CA GLU A 122 -9.99 2.07 12.61
C GLU A 122 -10.18 0.68 11.95
N GLU A 123 -11.11 0.52 11.01
CA GLU A 123 -11.38 -0.80 10.44
C GLU A 123 -10.16 -1.33 9.60
N TYR A 124 -9.26 -0.44 9.21
CA TYR A 124 -8.17 -0.79 8.31
C TYR A 124 -6.91 -1.32 8.98
N GLY A 125 -6.79 -1.18 10.28
CA GLY A 125 -5.60 -1.64 10.96
C GLY A 125 -5.53 -0.91 12.24
N LYS A 126 -4.40 -1.07 12.91
CA LYS A 126 -4.18 -0.53 14.24
C LYS A 126 -3.66 0.88 14.16
N ILE A 127 -4.39 1.85 14.73
CA ILE A 127 -4.01 3.26 14.61
C ILE A 127 -3.14 3.61 15.77
N ASP A 128 -2.02 4.30 15.57
CA ASP A 128 -1.20 4.71 16.70
C ASP A 128 -1.74 6.04 17.14
N THR A 129 -1.71 6.99 16.20
CA THR A 129 -2.03 8.38 16.49
C THR A 129 -2.92 9.01 15.43
N ILE A 130 -3.51 10.15 15.81
CA ILE A 130 -4.38 10.95 14.93
C ILE A 130 -4.19 12.39 15.35
N GLU A 131 -3.82 13.26 14.40
CA GLU A 131 -3.61 14.69 14.63
C GLU A 131 -4.45 15.49 13.64
N ILE A 132 -5.27 16.39 14.18
CA ILE A 132 -6.02 17.41 13.41
C ILE A 132 -5.24 18.67 13.52
N ILE A 133 -4.97 19.31 12.39
CA ILE A 133 -4.10 20.46 12.37
C ILE A 133 -4.91 21.75 12.51
N THR A 134 -4.39 22.66 13.33
CA THR A 134 -5.04 23.92 13.65
C THR A 134 -3.98 25.00 13.48
N ASP A 135 -4.42 26.25 13.30
CA ASP A 135 -3.51 27.39 13.17
C ASP A 135 -2.79 27.58 14.50
N ARG A 136 -1.52 28.02 14.45
CA ARG A 136 -0.72 28.17 15.66
C ARG A 136 -1.18 29.32 16.58
N GLN A 137 -1.52 30.50 16.04
CA GLN A 137 -2.01 31.63 16.87
C GLN A 137 -3.51 31.51 17.05
N SER A 138 -4.24 31.52 15.93
CA SER A 138 -5.72 31.46 15.98
C SER A 138 -6.36 30.12 16.41
N GLY A 139 -5.64 29.01 16.35
CA GLY A 139 -6.24 27.69 16.57
C GLY A 139 -7.46 27.44 15.70
N LYS A 140 -7.52 28.05 14.51
CA LYS A 140 -8.53 27.72 13.50
C LYS A 140 -8.11 26.40 12.85
N LYS A 141 -9.03 25.45 12.74
CA LYS A 141 -8.75 24.15 12.09
C LYS A 141 -8.46 24.38 10.62
N ARG A 142 -7.36 23.84 10.14
CA ARG A 142 -6.87 24.17 8.80
C ARG A 142 -7.44 23.27 7.72
N GLY A 143 -8.20 22.25 8.09
CA GLY A 143 -8.91 21.41 7.15
C GLY A 143 -8.17 20.18 6.74
N PHE A 144 -7.20 19.75 7.55
CA PHE A 144 -6.54 18.49 7.28
C PHE A 144 -6.04 17.81 8.51
N GLY A 145 -5.77 16.50 8.38
CA GLY A 145 -5.15 15.76 9.48
C GLY A 145 -4.24 14.62 9.05
N PHE A 146 -3.68 13.95 10.03
CA PHE A 146 -2.79 12.78 9.83
C PHE A 146 -3.14 11.66 10.73
N VAL A 147 -3.19 10.47 10.12
CA VAL A 147 -3.43 9.22 10.81
C VAL A 147 -2.20 8.33 10.62
N THR A 148 -1.60 7.85 11.71
CA THR A 148 -0.42 7.01 11.64
C THR A 148 -0.85 5.65 12.12
N PHE A 149 -0.51 4.64 11.34
CA PHE A 149 -0.84 3.28 11.73
C PHE A 149 0.41 2.59 12.28
N ASP A 150 0.28 1.35 12.75
CA ASP A 150 1.45 0.61 13.25
C ASP A 150 2.15 -0.14 12.12
N ASP A 151 1.63 -0.02 10.88
CA ASP A 151 2.09 -0.80 9.73
C ASP A 151 1.76 0.02 8.46
N HIS A 152 2.55 -0.17 7.42
CA HIS A 152 2.41 0.60 6.22
C HIS A 152 1.28 0.11 5.37
N ASP A 153 0.86 -1.15 5.52
CA ASP A 153 -0.11 -1.73 4.64
C ASP A 153 -1.49 -1.08 4.62
N PRO A 154 -2.02 -0.70 5.80
CA PRO A 154 -3.23 0.08 5.82
C PRO A 154 -3.16 1.31 4.95
N VAL A 155 -2.06 2.06 5.08
CA VAL A 155 -1.86 3.24 4.29
C VAL A 155 -1.90 2.90 2.77
N ASP A 156 -1.24 1.80 2.38
CA ASP A 156 -1.23 1.40 0.99
C ASP A 156 -2.63 1.06 0.50
N LYS A 157 -3.39 0.36 1.33
CA LYS A 157 -4.71 -0.03 0.90
C LYS A 157 -5.60 1.24 0.76
N ILE A 158 -5.52 2.08 1.77
CA ILE A 158 -6.33 3.29 1.81
C ILE A 158 -6.10 4.15 0.58
N VAL A 159 -4.85 4.37 0.21
CA VAL A 159 -4.53 5.28 -0.84
C VAL A 159 -4.90 4.64 -2.16
N LEU A 160 -4.71 3.34 -2.28
CA LEU A 160 -5.12 2.64 -3.47
C LEU A 160 -6.62 2.67 -3.69
N GLN A 161 -7.39 2.68 -2.62
CA GLN A 161 -8.84 2.82 -2.74
C GLN A 161 -9.29 4.20 -3.26
N LYS A 162 -8.44 5.21 -3.02
CA LYS A 162 -8.55 6.48 -3.63
C LYS A 162 -9.65 7.39 -3.15
N TYR A 163 -10.90 6.95 -3.17
CA TYR A 163 -12.02 7.84 -2.90
C TYR A 163 -12.49 7.54 -1.51
N HIS A 164 -12.66 8.58 -0.71
CA HIS A 164 -13.12 8.41 0.64
C HIS A 164 -13.96 9.63 1.01
N THR A 165 -15.07 9.32 1.66
CA THR A 165 -15.95 10.32 2.19
C THR A 165 -15.89 10.23 3.69
N ILE A 166 -15.62 11.36 4.31
CA ILE A 166 -15.36 11.36 5.73
C ILE A 166 -16.06 12.56 6.32
N ASN A 167 -17.03 12.30 7.20
CA ASN A 167 -17.84 13.33 7.82
C ASN A 167 -18.51 14.21 6.79
N GLY A 168 -19.15 13.56 5.82
CA GLY A 168 -19.81 14.20 4.70
C GLY A 168 -18.92 14.86 3.66
N HIS A 169 -17.59 14.75 3.78
CA HIS A 169 -16.66 15.43 2.85
C HIS A 169 -15.96 14.43 1.94
N ASN A 170 -15.83 14.77 0.68
CA ASN A 170 -14.93 14.03 -0.22
C ASN A 170 -13.47 14.38 0.08
N ALA A 171 -12.78 13.49 0.79
CA ALA A 171 -11.49 13.82 1.37
C ALA A 171 -10.38 13.47 0.38
N GLU A 172 -9.20 14.04 0.59
CA GLU A 172 -8.09 13.70 -0.24
C GLU A 172 -7.17 12.92 0.64
N VAL A 173 -7.05 11.61 0.43
CA VAL A 173 -6.25 10.85 1.36
C VAL A 173 -5.00 10.41 0.63
N ARG A 174 -3.81 10.67 1.18
CA ARG A 174 -2.54 10.30 0.55
C ARG A 174 -1.55 9.89 1.58
N LYS A 175 -0.42 9.35 1.13
N LYS A 175 -0.43 9.32 1.13
CA LYS A 175 0.71 9.17 2.02
CA LYS A 175 0.72 9.10 2.01
C LYS A 175 1.15 10.55 2.50
C LYS A 175 1.26 10.48 2.46
N ALA A 176 1.65 10.58 3.74
CA ALA A 176 2.20 11.78 4.33
C ALA A 176 3.70 11.59 4.23
N LEU A 177 4.27 12.11 3.13
CA LEU A 177 5.68 11.98 2.86
C LEU A 177 6.49 13.19 3.31
N SER A 178 7.70 12.95 3.85
CA SER A 178 8.67 14.03 4.15
C SER A 178 9.27 14.63 2.86
N ARG A 179 10.02 15.74 2.93
CA ARG A 179 10.63 16.30 1.70
C ARG A 179 11.64 15.30 1.13
N GLN A 180 12.46 14.72 2.00
CA GLN A 180 13.36 13.61 1.59
C GLN A 180 12.62 12.52 0.82
N GLU A 181 11.56 12.01 1.46
CA GLU A 181 10.78 10.93 0.88
C GLU A 181 10.23 11.34 -0.51
N MET A 182 9.84 12.61 -0.64
CA MET A 182 9.34 13.11 -1.91
C MET A 182 10.38 13.08 -3.01
N GLN A 183 11.66 13.03 -2.68
CA GLN A 183 12.68 12.85 -3.71
C GLN A 183 12.82 11.40 -4.26
N GLU A 184 12.11 10.41 -3.70
CA GLU A 184 12.15 9.01 -4.23
C GLU A 184 11.22 8.77 -5.44
#